data_1E47
#
_entry.id   1E47
#
_cell.length_a   93.900
_cell.length_b   93.900
_cell.length_c   43.000
_cell.angle_alpha   90.00
_cell.angle_beta   90.00
_cell.angle_gamma   90.00
#
_symmetry.space_group_name_H-M   'P 4 21 2'
#
loop_
_entity.id
_entity.type
_entity.pdbx_description
1 polymer 'L-FUCULOSE 1-PHOSPHATE ALDOLASE'
2 non-polymer 'SULFATE ION'
3 non-polymer BETA-MERCAPTOETHANOL
4 non-polymer 1,3-DIHYDROXYACETONEPHOSPHATE
5 non-polymer 'ZINC ION'
6 water water
#
_entity_poly.entity_id   1
_entity_poly.type   'polypeptide(L)'
_entity_poly.pdbx_seq_one_letter_code
;MERNKLARQIIDTCLEMTRLGLNQGTAGNVSVRYQDGMLITPTGIPYEKLTESHIVFIDGNGKHEEGKLPSSQWRFHMAA
YQSRPDANAVVHNHAVHCTAVSILNRSIPAIHYMIAAAGGNSIPCAPYATFGTRELSEHVALALKNRKATLLQHHGLIAC
EVNLEKALWLAHEVEVLAQLYLTTLAITDPVPVLSDEEIAVVLEKFKTYGLRIEE
;
_entity_poly.pdbx_strand_id   P
#
loop_
_chem_comp.id
_chem_comp.type
_chem_comp.name
_chem_comp.formula
13P non-polymer 1,3-DIHYDROXYACETONEPHOSPHATE 'C3 H7 O6 P'
BME non-polymer BETA-MERCAPTOETHANOL 'C2 H6 O S'
SO4 non-polymer 'SULFATE ION' 'O4 S -2'
ZN non-polymer 'ZINC ION' 'Zn 2'
#
# COMPACT_ATOMS: atom_id res chain seq x y z
N MET A 1 2.27 -16.59 -16.09
CA MET A 1 1.20 -16.14 -15.15
C MET A 1 0.51 -17.35 -14.53
N GLU A 2 1.38 -18.29 -14.20
CA GLU A 2 1.04 -19.48 -13.45
C GLU A 2 1.24 -19.07 -11.99
N ARG A 3 0.65 -19.78 -11.04
CA ARG A 3 0.78 -19.47 -9.64
C ARG A 3 2.21 -19.30 -9.14
N ASN A 4 3.13 -20.19 -9.50
CA ASN A 4 4.49 -20.15 -9.02
C ASN A 4 5.25 -18.93 -9.51
N LYS A 5 5.00 -18.49 -10.73
CA LYS A 5 5.64 -17.30 -11.26
C LYS A 5 5.21 -16.10 -10.42
N LEU A 6 3.92 -16.01 -10.11
CA LEU A 6 3.35 -14.96 -9.31
C LEU A 6 3.82 -15.03 -7.86
N ALA A 7 4.01 -16.24 -7.36
CA ALA A 7 4.51 -16.41 -6.00
C ALA A 7 5.95 -15.91 -5.90
N ARG A 8 6.80 -16.12 -6.91
CA ARG A 8 8.17 -15.67 -6.88
C ARG A 8 8.29 -14.15 -6.86
N GLN A 9 7.44 -13.51 -7.67
CA GLN A 9 7.41 -12.06 -7.77
C GLN A 9 6.96 -11.43 -6.45
N ILE A 10 6.05 -12.06 -5.72
CA ILE A 10 5.62 -11.56 -4.41
C ILE A 10 6.86 -11.56 -3.51
N ILE A 11 7.57 -12.69 -3.45
CA ILE A 11 8.79 -12.86 -2.66
C ILE A 11 9.85 -11.87 -3.09
N ASP A 12 10.07 -11.69 -4.39
CA ASP A 12 11.03 -10.69 -4.85
C ASP A 12 10.62 -9.31 -4.37
N THR A 13 9.33 -8.98 -4.41
CA THR A 13 8.84 -7.68 -3.95
C THR A 13 9.12 -7.50 -2.45
N CYS A 14 8.95 -8.52 -1.62
CA CYS A 14 9.29 -8.45 -0.19
C CYS A 14 10.79 -8.12 -0.03
N LEU A 15 11.66 -8.83 -0.70
CA LEU A 15 13.09 -8.57 -0.67
C LEU A 15 13.42 -7.15 -1.14
N GLU A 16 12.83 -6.73 -2.25
CA GLU A 16 13.11 -5.41 -2.80
C GLU A 16 12.65 -4.33 -1.83
N MET A 17 11.50 -4.57 -1.20
CA MET A 17 10.95 -3.65 -0.20
C MET A 17 11.90 -3.43 0.97
N THR A 18 12.55 -4.51 1.39
CA THR A 18 13.55 -4.44 2.46
C THR A 18 14.81 -3.74 1.96
N ARG A 19 15.21 -3.98 0.73
CA ARG A 19 16.36 -3.34 0.10
C ARG A 19 16.22 -1.82 0.07
N LEU A 20 15.04 -1.35 -0.28
CA LEU A 20 14.66 0.04 -0.38
C LEU A 20 14.49 0.73 0.97
N GLY A 21 14.51 -0.01 2.07
CA GLY A 21 14.32 0.49 3.40
C GLY A 21 12.88 0.90 3.70
N LEU A 22 11.92 0.13 3.18
CA LEU A 22 10.51 0.41 3.43
C LEU A 22 9.93 -0.60 4.42
N ASN A 23 10.62 -1.71 4.61
CA ASN A 23 10.11 -2.78 5.45
C ASN A 23 10.96 -2.85 6.72
N GLN A 24 10.51 -1.97 7.61
CA GLN A 24 11.11 -1.79 8.92
C GLN A 24 10.16 -2.30 10.01
N GLY A 25 10.62 -3.40 10.63
CA GLY A 25 9.89 -4.12 11.65
C GLY A 25 9.41 -5.46 11.08
N THR A 26 9.66 -5.67 9.78
CA THR A 26 9.23 -6.82 9.00
C THR A 26 7.70 -6.89 9.00
N ALA A 27 7.15 -5.69 8.88
CA ALA A 27 5.73 -5.43 8.96
C ALA A 27 4.98 -5.59 7.64
N GLY A 28 5.61 -5.58 6.48
CA GLY A 28 4.83 -5.67 5.27
C GLY A 28 4.17 -6.98 4.91
N ASN A 29 3.25 -6.86 3.95
CA ASN A 29 2.54 -7.97 3.35
C ASN A 29 2.20 -7.54 1.93
N VAL A 30 2.31 -8.45 0.99
CA VAL A 30 2.12 -8.24 -0.43
C VAL A 30 1.17 -9.25 -1.03
N SER A 31 0.28 -8.81 -1.93
CA SER A 31 -0.68 -9.73 -2.53
C SER A 31 -0.85 -9.47 -4.03
N VAL A 32 -1.42 -10.43 -4.75
CA VAL A 32 -1.72 -10.17 -6.16
C VAL A 32 -3.10 -10.80 -6.41
N ARG A 33 -3.77 -10.19 -7.38
CA ARG A 33 -5.07 -10.69 -7.80
C ARG A 33 -4.87 -12.01 -8.57
N TYR A 34 -5.67 -13.02 -8.19
CA TYR A 34 -5.49 -14.33 -8.80
C TYR A 34 -6.78 -15.15 -8.79
N GLN A 35 -7.19 -15.53 -10.01
CA GLN A 35 -8.40 -16.33 -10.12
C GLN A 35 -9.54 -15.58 -9.45
N ASP A 36 -10.21 -16.26 -8.51
CA ASP A 36 -11.33 -15.56 -7.87
C ASP A 36 -10.89 -14.86 -6.59
N GLY A 37 -9.59 -14.81 -6.31
CA GLY A 37 -9.24 -14.13 -5.05
C GLY A 37 -7.87 -13.50 -5.17
N MET A 38 -6.97 -14.01 -4.34
CA MET A 38 -5.61 -13.46 -4.32
C MET A 38 -4.63 -14.45 -3.71
N LEU A 39 -3.39 -14.18 -4.10
CA LEU A 39 -2.23 -14.83 -3.51
C LEU A 39 -1.63 -13.81 -2.52
N ILE A 40 -1.33 -14.15 -1.29
CA ILE A 40 -0.78 -13.21 -0.32
C ILE A 40 0.34 -13.81 0.52
N THR A 41 1.22 -12.99 1.11
CA THR A 41 2.24 -13.50 2.02
C THR A 41 1.61 -14.12 3.26
N PRO A 42 2.27 -15.12 3.85
CA PRO A 42 1.78 -15.79 5.03
C PRO A 42 2.11 -15.01 6.31
N THR A 43 1.40 -15.32 7.39
CA THR A 43 1.76 -14.70 8.65
C THR A 43 2.87 -15.49 9.34
N GLY A 44 3.68 -14.79 10.15
CA GLY A 44 4.73 -15.46 10.91
C GLY A 44 6.08 -15.50 10.21
N ILE A 45 6.22 -16.43 9.27
CA ILE A 45 7.44 -16.62 8.49
C ILE A 45 8.16 -15.37 8.03
N PRO A 46 9.40 -15.18 8.52
CA PRO A 46 10.25 -14.05 8.16
C PRO A 46 10.47 -14.04 6.66
N TYR A 47 10.65 -12.90 6.03
CA TYR A 47 10.76 -12.82 4.58
C TYR A 47 11.87 -13.61 3.92
N GLU A 48 13.04 -13.69 4.54
CA GLU A 48 14.21 -14.36 3.99
C GLU A 48 14.09 -15.88 3.98
N LYS A 49 13.19 -16.47 4.76
CA LYS A 49 12.94 -17.90 4.74
C LYS A 49 11.78 -18.24 3.79
N LEU A 50 11.17 -17.24 3.20
CA LEU A 50 10.01 -17.40 2.35
C LEU A 50 10.24 -18.21 1.07
N THR A 51 9.40 -19.22 0.85
CA THR A 51 9.49 -20.01 -0.36
C THR A 51 8.12 -19.95 -1.05
N GLU A 52 8.14 -20.23 -2.35
CA GLU A 52 6.98 -20.25 -3.21
C GLU A 52 5.79 -20.93 -2.60
N SER A 53 5.95 -22.11 -2.00
CA SER A 53 4.87 -22.85 -1.38
C SER A 53 4.33 -22.24 -0.09
N HIS A 54 4.97 -21.23 0.48
CA HIS A 54 4.46 -20.51 1.62
C HIS A 54 3.34 -19.54 1.27
N ILE A 55 3.32 -19.00 0.06
CA ILE A 55 2.32 -18.06 -0.42
C ILE A 55 0.92 -18.65 -0.33
N VAL A 56 -0.04 -17.95 0.25
CA VAL A 56 -1.37 -18.47 0.46
C VAL A 56 -2.43 -18.00 -0.53
N PHE A 57 -3.28 -18.89 -0.99
CA PHE A 57 -4.38 -18.52 -1.86
C PHE A 57 -5.62 -18.33 -0.99
N ILE A 58 -6.29 -17.20 -1.14
CA ILE A 58 -7.52 -16.89 -0.41
C ILE A 58 -8.61 -16.66 -1.47
N ASP A 59 -9.73 -17.36 -1.40
CA ASP A 59 -10.72 -17.15 -2.47
C ASP A 59 -11.57 -15.91 -2.23
N GLY A 60 -12.59 -15.67 -3.08
CA GLY A 60 -13.51 -14.57 -2.98
C GLY A 60 -14.40 -14.50 -1.75
N ASN A 61 -14.58 -15.65 -1.11
CA ASN A 61 -15.35 -15.82 0.11
C ASN A 61 -14.53 -15.58 1.36
N GLY A 62 -13.21 -15.59 1.23
CA GLY A 62 -12.34 -15.35 2.38
C GLY A 62 -11.83 -16.68 2.94
N LYS A 63 -12.17 -17.78 2.28
CA LYS A 63 -11.70 -19.09 2.71
C LYS A 63 -10.26 -19.26 2.23
N HIS A 64 -9.33 -19.52 3.14
CA HIS A 64 -7.94 -19.69 2.74
C HIS A 64 -7.52 -21.16 2.67
N GLU A 65 -6.47 -21.42 1.90
CA GLU A 65 -5.94 -22.76 1.73
C GLU A 65 -5.66 -23.41 3.09
N GLU A 66 -6.03 -24.67 3.14
CA GLU A 66 -5.82 -25.52 4.30
C GLU A 66 -4.36 -25.61 4.69
N GLY A 67 -4.06 -25.49 5.98
CA GLY A 67 -2.71 -25.62 6.49
C GLY A 67 -1.77 -24.45 6.30
N LYS A 68 -2.28 -23.30 5.89
CA LYS A 68 -1.44 -22.12 5.68
C LYS A 68 -2.15 -20.95 6.35
N LEU A 69 -1.39 -20.04 6.94
CA LEU A 69 -1.99 -18.88 7.61
C LEU A 69 -1.61 -17.64 6.79
N PRO A 70 -2.62 -16.98 6.25
CA PRO A 70 -2.42 -15.77 5.46
C PRO A 70 -1.98 -14.67 6.42
N SER A 71 -1.46 -13.58 5.88
CA SER A 71 -1.12 -12.44 6.69
C SER A 71 -2.32 -12.08 7.54
N SER A 72 -2.01 -11.51 8.71
CA SER A 72 -3.10 -11.07 9.60
C SER A 72 -3.86 -9.90 9.01
N GLN A 73 -3.34 -9.24 7.97
CA GLN A 73 -4.01 -8.11 7.34
C GLN A 73 -4.68 -8.47 6.01
N TRP A 74 -4.97 -9.74 5.75
CA TRP A 74 -5.54 -10.11 4.47
C TRP A 74 -6.82 -9.36 4.14
N ARG A 75 -7.69 -9.10 5.12
CA ARG A 75 -8.95 -8.44 4.84
C ARG A 75 -8.86 -7.11 4.11
N PHE A 76 -7.90 -6.23 4.41
CA PHE A 76 -7.90 -4.95 3.69
C PHE A 76 -7.23 -5.12 2.33
N HIS A 77 -6.52 -6.23 2.07
CA HIS A 77 -6.06 -6.55 0.73
C HIS A 77 -7.33 -6.86 -0.06
N MET A 78 -8.24 -7.68 0.48
CA MET A 78 -9.49 -8.01 -0.22
C MET A 78 -10.35 -6.76 -0.41
N ALA A 79 -10.34 -5.86 0.59
CA ALA A 79 -11.08 -4.61 0.44
C ALA A 79 -10.51 -3.77 -0.69
N ALA A 80 -9.19 -3.68 -0.84
CA ALA A 80 -8.63 -2.91 -1.94
C ALA A 80 -9.09 -3.51 -3.28
N TYR A 81 -9.04 -4.85 -3.41
CA TYR A 81 -9.40 -5.49 -4.67
C TYR A 81 -10.85 -5.24 -5.06
N GLN A 82 -11.76 -5.23 -4.10
CA GLN A 82 -13.15 -4.96 -4.39
C GLN A 82 -13.41 -3.49 -4.68
N SER A 83 -12.67 -2.60 -4.06
CA SER A 83 -12.87 -1.19 -4.24
C SER A 83 -12.26 -0.67 -5.54
N ARG A 84 -11.16 -1.29 -5.97
CA ARG A 84 -10.45 -0.86 -7.17
C ARG A 84 -10.28 -2.05 -8.09
N PRO A 85 -11.26 -2.24 -8.97
CA PRO A 85 -11.23 -3.32 -9.95
C PRO A 85 -9.97 -3.26 -10.79
N ASP A 86 -9.44 -2.09 -11.15
CA ASP A 86 -8.18 -2.01 -11.87
C ASP A 86 -6.99 -2.46 -11.03
N ALA A 87 -6.98 -2.54 -9.72
CA ALA A 87 -5.77 -2.97 -9.01
C ALA A 87 -5.48 -4.45 -9.16
N ASN A 88 -4.25 -4.86 -9.49
CA ASN A 88 -3.92 -6.28 -9.59
C ASN A 88 -2.87 -6.66 -8.54
N ALA A 89 -2.32 -5.66 -7.85
CA ALA A 89 -1.32 -5.91 -6.81
C ALA A 89 -1.41 -4.88 -5.70
N VAL A 90 -1.13 -5.34 -4.47
CA VAL A 90 -1.26 -4.49 -3.30
C VAL A 90 -0.06 -4.66 -2.39
N VAL A 91 0.52 -3.54 -2.00
CA VAL A 91 1.68 -3.51 -1.10
C VAL A 91 1.30 -2.76 0.18
N HIS A 92 1.60 -3.35 1.31
CA HIS A 92 1.38 -2.72 2.61
C HIS A 92 2.70 -2.73 3.39
N ASN A 93 3.03 -1.65 4.06
CA ASN A 93 4.21 -1.66 4.89
C ASN A 93 4.05 -0.57 5.91
N HIS A 94 5.00 -0.46 6.81
CA HIS A 94 5.07 0.54 7.85
C HIS A 94 6.29 1.45 7.62
N ALA A 95 6.54 1.87 6.39
CA ALA A 95 7.66 2.79 6.13
C ALA A 95 7.60 3.94 7.12
N VAL A 96 8.75 4.28 7.70
CA VAL A 96 8.77 5.27 8.76
C VAL A 96 8.16 6.61 8.43
N HIS A 97 8.48 7.26 7.31
CA HIS A 97 7.97 8.62 7.08
C HIS A 97 6.47 8.61 6.86
N CYS A 98 6.01 7.66 6.06
CA CYS A 98 4.57 7.49 5.87
C CYS A 98 3.82 7.32 7.20
N THR A 99 4.30 6.38 8.02
CA THR A 99 3.72 6.10 9.33
C THR A 99 3.78 7.32 10.23
N ALA A 100 4.85 8.12 10.20
CA ALA A 100 4.92 9.33 11.02
C ALA A 100 3.85 10.31 10.58
N VAL A 101 3.65 10.44 9.25
CA VAL A 101 2.57 11.35 8.79
C VAL A 101 1.23 10.78 9.23
N SER A 102 1.08 9.45 9.18
CA SER A 102 -0.18 8.84 9.64
C SER A 102 -0.41 9.03 11.14
N ILE A 103 0.61 9.27 11.95
CA ILE A 103 0.44 9.57 13.37
C ILE A 103 -0.05 10.99 13.55
N LEU A 104 0.36 11.92 12.68
CA LEU A 104 -0.13 13.30 12.75
C LEU A 104 -1.60 13.36 12.30
N ASN A 105 -2.07 12.31 11.63
CA ASN A 105 -3.38 12.19 11.06
C ASN A 105 -3.60 13.24 9.98
N ARG A 106 -2.56 13.46 9.18
CA ARG A 106 -2.61 14.44 8.11
C ARG A 106 -2.64 13.79 6.74
N SER A 107 -3.23 14.47 5.78
CA SER A 107 -3.14 14.01 4.39
C SER A 107 -1.85 14.59 3.80
N ILE A 108 -1.18 14.02 2.83
CA ILE A 108 -0.01 14.73 2.27
C ILE A 108 -0.54 15.58 1.12
N PRO A 109 -0.39 16.89 1.14
CA PRO A 109 -0.83 17.78 0.07
C PRO A 109 0.17 17.82 -1.07
N ALA A 110 -0.12 18.58 -2.13
CA ALA A 110 0.66 18.65 -3.34
C ALA A 110 1.94 19.47 -3.24
N ILE A 111 2.90 18.97 -2.44
CA ILE A 111 4.16 19.66 -2.23
C ILE A 111 5.15 19.39 -3.36
N HIS A 112 4.84 18.45 -4.23
CA HIS A 112 5.64 18.01 -5.36
C HIS A 112 4.70 17.49 -6.45
N TYR A 113 5.08 17.65 -7.74
CA TYR A 113 4.18 17.22 -8.82
C TYR A 113 3.98 15.72 -8.91
N MET A 114 4.90 14.91 -8.35
CA MET A 114 4.75 13.46 -8.33
C MET A 114 3.60 12.97 -7.48
N ILE A 115 2.97 13.79 -6.64
CA ILE A 115 1.76 13.52 -5.92
C ILE A 115 0.68 13.00 -6.86
N ALA A 116 0.66 13.45 -8.14
CA ALA A 116 -0.32 12.97 -9.09
C ALA A 116 -0.22 11.50 -9.50
N ALA A 117 0.85 10.79 -9.17
CA ALA A 117 1.01 9.38 -9.45
C ALA A 117 -0.03 8.56 -8.67
N ALA A 118 -0.55 9.07 -7.55
CA ALA A 118 -1.54 8.33 -6.79
C ALA A 118 -2.96 8.70 -7.22
N GLY A 119 -3.11 9.54 -8.23
CA GLY A 119 -4.37 9.90 -8.83
C GLY A 119 -5.02 11.23 -8.59
N GLY A 120 -4.52 12.11 -7.74
CA GLY A 120 -5.11 13.39 -7.46
C GLY A 120 -4.07 14.34 -6.88
N ASN A 121 -4.53 15.27 -6.07
CA ASN A 121 -3.69 16.28 -5.48
C ASN A 121 -3.26 15.96 -4.05
N SER A 122 -3.48 14.73 -3.60
CA SER A 122 -3.14 14.39 -2.22
C SER A 122 -2.98 12.87 -2.04
N ILE A 123 -2.49 12.53 -0.85
CA ILE A 123 -2.40 11.18 -0.34
C ILE A 123 -3.20 11.29 0.98
N PRO A 124 -4.38 10.69 1.02
CA PRO A 124 -5.23 10.74 2.20
C PRO A 124 -4.70 9.89 3.34
N CYS A 125 -5.35 10.08 4.47
CA CYS A 125 -5.04 9.33 5.67
C CYS A 125 -6.37 8.78 6.18
N ALA A 126 -6.55 7.47 6.13
CA ALA A 126 -7.74 6.82 6.65
C ALA A 126 -7.70 6.74 8.19
N PRO A 127 -8.85 6.98 8.81
CA PRO A 127 -9.00 6.98 10.25
C PRO A 127 -8.63 5.63 10.84
N TYR A 128 -8.04 5.63 12.03
CA TYR A 128 -7.66 4.41 12.69
C TYR A 128 -8.80 3.43 13.02
N ALA A 129 -8.56 2.13 12.90
CA ALA A 129 -9.46 1.11 13.43
C ALA A 129 -8.51 -0.04 13.76
N THR A 130 -8.93 -0.88 14.67
CA THR A 130 -8.10 -2.00 15.08
C THR A 130 -7.72 -2.84 13.87
N PHE A 131 -6.44 -3.22 13.75
CA PHE A 131 -5.97 -4.08 12.68
C PHE A 131 -6.84 -5.34 12.56
N GLY A 132 -7.01 -5.80 11.31
CA GLY A 132 -7.77 -7.00 11.01
C GLY A 132 -9.26 -6.93 11.15
N THR A 133 -9.87 -5.77 11.41
CA THR A 133 -11.31 -5.68 11.59
C THR A 133 -12.02 -5.24 10.31
N ARG A 134 -13.33 -5.44 10.27
CA ARG A 134 -14.12 -5.06 9.12
C ARG A 134 -14.12 -3.54 9.05
N GLU A 135 -14.17 -2.89 10.20
CA GLU A 135 -14.14 -1.44 10.25
C GLU A 135 -12.88 -0.87 9.60
N LEU A 136 -11.71 -1.45 9.74
CA LEU A 136 -10.48 -1.00 9.10
C LEU A 136 -10.64 -1.13 7.57
N SER A 137 -11.12 -2.30 7.14
CA SER A 137 -11.42 -2.57 5.75
C SER A 137 -12.33 -1.51 5.14
N GLU A 138 -13.41 -1.10 5.78
CA GLU A 138 -14.29 -0.08 5.23
C GLU A 138 -13.58 1.26 5.02
N HIS A 139 -12.81 1.70 6.02
CA HIS A 139 -12.07 2.96 5.86
C HIS A 139 -11.10 2.90 4.67
N VAL A 140 -10.39 1.79 4.48
CA VAL A 140 -9.46 1.60 3.38
C VAL A 140 -10.21 1.62 2.06
N ALA A 141 -11.32 0.90 1.96
CA ALA A 141 -12.13 0.87 0.74
C ALA A 141 -12.56 2.28 0.34
N LEU A 142 -13.03 3.09 1.28
CA LEU A 142 -13.43 4.46 1.00
C LEU A 142 -12.27 5.35 0.57
N ALA A 143 -11.14 5.27 1.31
CA ALA A 143 -9.98 6.05 0.95
C ALA A 143 -9.43 5.71 -0.43
N LEU A 144 -9.54 4.47 -0.90
CA LEU A 144 -9.01 4.08 -2.20
C LEU A 144 -10.02 4.29 -3.32
N LYS A 145 -11.20 4.83 -3.06
CA LYS A 145 -12.13 5.05 -4.16
C LYS A 145 -11.50 5.88 -5.26
N ASN A 146 -10.79 6.96 -4.95
CA ASN A 146 -10.22 7.79 -6.00
C ASN A 146 -8.74 8.08 -5.84
N ARG A 147 -8.05 7.17 -5.17
CA ARG A 147 -6.62 7.29 -4.92
C ARG A 147 -6.04 5.88 -4.98
N LYS A 148 -4.78 5.75 -5.42
CA LYS A 148 -4.17 4.44 -5.50
C LYS A 148 -3.32 4.13 -4.27
N ALA A 149 -3.24 5.10 -3.38
CA ALA A 149 -2.44 4.87 -2.17
C ALA A 149 -3.09 5.65 -1.03
N THR A 150 -2.97 5.09 0.15
CA THR A 150 -3.50 5.77 1.34
C THR A 150 -2.64 5.48 2.56
N LEU A 151 -2.51 6.45 3.46
CA LEU A 151 -1.96 6.24 4.77
C LEU A 151 -3.13 5.70 5.64
N LEU A 152 -2.72 5.02 6.68
CA LEU A 152 -3.62 4.43 7.65
C LEU A 152 -3.21 5.00 9.02
N GLN A 153 -4.01 5.80 9.70
CA GLN A 153 -3.68 6.48 10.94
C GLN A 153 -3.08 5.59 12.02
N HIS A 154 -1.97 5.99 12.65
CA HIS A 154 -1.33 5.16 13.66
C HIS A 154 -0.93 3.77 13.18
N HIS A 155 -0.58 3.66 11.88
CA HIS A 155 -0.33 2.31 11.36
C HIS A 155 0.68 2.26 10.25
N GLY A 156 0.39 2.78 9.05
CA GLY A 156 1.32 2.62 7.93
C GLY A 156 0.71 3.01 6.59
N LEU A 157 1.01 2.25 5.55
CA LEU A 157 0.68 2.60 4.17
C LEU A 157 0.10 1.44 3.38
N ILE A 158 -0.84 1.73 2.46
CA ILE A 158 -1.32 0.75 1.49
C ILE A 158 -1.17 1.42 0.12
N ALA A 159 -0.61 0.72 -0.85
CA ALA A 159 -0.48 1.23 -2.20
C ALA A 159 -0.91 0.13 -3.18
N CYS A 160 -1.69 0.50 -4.20
CA CYS A 160 -2.14 -0.53 -5.12
C CYS A 160 -1.89 -0.13 -6.58
N GLU A 161 -1.60 -1.09 -7.44
CA GLU A 161 -1.40 -0.68 -8.84
C GLU A 161 -1.69 -1.84 -9.77
N VAL A 162 -1.39 -1.66 -11.04
CA VAL A 162 -1.64 -2.69 -12.05
C VAL A 162 -0.70 -3.88 -11.99
N ASN A 163 0.50 -3.74 -11.43
CA ASN A 163 1.35 -4.93 -11.28
C ASN A 163 2.25 -4.69 -10.06
N LEU A 164 3.00 -5.66 -9.58
CA LEU A 164 3.83 -5.51 -8.39
C LEU A 164 4.93 -4.47 -8.55
N GLU A 165 5.45 -4.37 -9.76
CA GLU A 165 6.54 -3.42 -10.01
C GLU A 165 6.05 -2.00 -9.83
N LYS A 166 4.87 -1.68 -10.35
CA LYS A 166 4.33 -0.34 -10.20
C LYS A 166 3.83 -0.09 -8.78
N ALA A 167 3.27 -1.15 -8.18
CA ALA A 167 2.75 -0.99 -6.83
C ALA A 167 3.92 -0.67 -5.89
N LEU A 168 5.07 -1.33 -6.05
CA LEU A 168 6.23 -1.09 -5.20
C LEU A 168 6.80 0.31 -5.45
N TRP A 169 6.88 0.67 -6.73
CA TRP A 169 7.38 1.98 -7.14
C TRP A 169 6.50 3.09 -6.53
N LEU A 170 5.16 2.86 -6.57
CA LEU A 170 4.27 3.85 -6.00
C LEU A 170 4.51 4.00 -4.50
N ALA A 171 4.67 2.89 -3.81
CA ALA A 171 4.83 2.84 -2.36
C ALA A 171 6.08 3.61 -1.95
N HIS A 172 7.11 3.40 -2.75
CA HIS A 172 8.39 4.06 -2.57
C HIS A 172 8.24 5.57 -2.77
N GLU A 173 7.54 6.00 -3.82
CA GLU A 173 7.33 7.43 -4.09
C GLU A 173 6.53 8.13 -3.00
N VAL A 174 5.58 7.42 -2.40
CA VAL A 174 4.77 7.99 -1.34
C VAL A 174 5.67 8.19 -0.11
N GLU A 175 6.59 7.20 0.09
CA GLU A 175 7.55 7.33 1.21
C GLU A 175 8.45 8.53 0.95
N VAL A 176 8.86 8.77 -0.29
CA VAL A 176 9.66 9.99 -0.54
C VAL A 176 8.85 11.25 -0.27
N LEU A 177 7.60 11.35 -0.73
CA LEU A 177 6.72 12.49 -0.50
C LEU A 177 6.47 12.72 1.00
N ALA A 178 6.25 11.64 1.77
CA ALA A 178 6.10 11.71 3.21
C ALA A 178 7.36 12.32 3.87
N GLN A 179 8.53 11.84 3.46
CA GLN A 179 9.78 12.39 4.01
C GLN A 179 9.92 13.85 3.65
N LEU A 180 9.64 14.24 2.41
CA LEU A 180 9.70 15.62 1.95
C LEU A 180 8.78 16.50 2.79
N TYR A 181 7.56 15.99 3.00
CA TYR A 181 6.57 16.70 3.78
C TYR A 181 6.98 16.92 5.23
N LEU A 182 7.51 15.89 5.87
CA LEU A 182 7.93 16.01 7.27
C LEU A 182 9.13 16.92 7.43
N THR A 183 10.06 16.83 6.47
CA THR A 183 11.25 17.69 6.53
C THR A 183 10.89 19.18 6.41
N THR A 184 10.03 19.55 5.46
CA THR A 184 9.65 20.92 5.28
C THR A 184 8.69 21.35 6.38
N LEU A 185 7.80 20.50 6.89
CA LEU A 185 6.86 20.85 7.95
C LEU A 185 7.57 21.25 9.25
N ALA A 186 8.74 20.69 9.52
CA ALA A 186 9.52 21.03 10.70
C ALA A 186 10.12 22.44 10.59
N ILE A 187 10.26 22.98 9.39
CA ILE A 187 10.75 24.30 9.13
C ILE A 187 9.59 25.31 9.08
N THR A 188 8.62 25.07 8.21
CA THR A 188 7.50 25.97 8.06
C THR A 188 6.17 25.24 7.89
N ASP A 189 5.12 25.79 8.47
CA ASP A 189 3.76 25.26 8.40
C ASP A 189 2.81 26.44 8.20
N PRO A 190 2.04 26.45 7.12
CA PRO A 190 1.94 25.32 6.22
C PRO A 190 3.08 25.26 5.21
N VAL A 191 3.14 24.13 4.51
CA VAL A 191 4.14 23.97 3.46
C VAL A 191 3.56 24.49 2.15
N PRO A 192 4.38 25.18 1.38
CA PRO A 192 3.98 25.64 0.05
C PRO A 192 3.54 24.43 -0.76
N VAL A 193 2.46 24.52 -1.50
CA VAL A 193 1.96 23.47 -2.34
C VAL A 193 1.72 23.99 -3.76
N LEU A 194 1.59 23.07 -4.70
CA LEU A 194 1.24 23.46 -6.07
C LEU A 194 -0.28 23.61 -6.15
N SER A 195 -0.80 24.50 -6.99
CA SER A 195 -2.26 24.70 -7.06
C SER A 195 -3.02 23.59 -7.77
N ASP A 196 -4.35 23.55 -7.59
CA ASP A 196 -5.16 22.54 -8.27
C ASP A 196 -5.06 22.61 -9.77
N GLU A 197 -4.96 23.80 -10.34
CA GLU A 197 -4.77 24.01 -11.75
C GLU A 197 -3.50 23.33 -12.24
N GLU A 198 -2.38 23.62 -11.52
CA GLU A 198 -1.13 22.99 -11.90
C GLU A 198 -1.20 21.47 -11.89
N ILE A 199 -1.80 20.93 -10.81
CA ILE A 199 -1.95 19.46 -10.73
C ILE A 199 -2.87 18.94 -11.83
N ALA A 200 -3.92 19.70 -12.22
CA ALA A 200 -4.74 19.22 -13.34
C ALA A 200 -3.93 19.11 -14.62
N VAL A 201 -3.07 20.09 -14.88
CA VAL A 201 -2.15 20.00 -16.01
C VAL A 201 -1.25 18.78 -15.96
N VAL A 202 -0.64 18.52 -14.79
CA VAL A 202 0.24 17.35 -14.70
C VAL A 202 -0.52 16.07 -14.91
N LEU A 203 -1.71 15.94 -14.33
CA LEU A 203 -2.53 14.74 -14.49
C LEU A 203 -2.86 14.51 -15.97
N GLU A 204 -3.26 15.59 -16.63
CA GLU A 204 -3.55 15.48 -18.05
C GLU A 204 -2.27 14.99 -18.73
N LYS A 205 -1.13 15.56 -18.34
CA LYS A 205 0.13 15.17 -18.98
C LYS A 205 0.46 13.72 -18.71
N PHE A 206 0.18 13.15 -17.54
CA PHE A 206 0.50 11.74 -17.30
C PHE A 206 -0.29 10.77 -18.17
S SO4 B . 1.82 -10.02 8.86
O1 SO4 B . 3.18 -10.58 9.17
O2 SO4 B . 1.60 -10.07 7.37
O3 SO4 B . 0.78 -10.85 9.55
O4 SO4 B . 1.73 -8.60 9.34
S SO4 C . -9.29 -13.22 11.02
O1 SO4 C . -9.80 -12.87 12.38
O2 SO4 C . -10.41 -13.75 10.18
O3 SO4 C . -8.75 -11.99 10.34
O4 SO4 C . -8.20 -14.25 11.12
C1 BME D . 5.99 -10.56 4.18
C2 BME D . 7.04 -9.59 3.67
O1 BME D . 6.50 -11.28 5.31
S2 BME D . 6.52 -8.70 2.18
P 13P E . 1.73 -9.99 9.01
O1P 13P E . 3.26 -10.41 9.27
O2P 13P E . 0.77 -11.09 9.69
O3P 13P E . 1.45 -9.96 7.43
O1 13P E . 1.40 -8.56 9.65
C1 13P E . 2.26 -7.42 9.71
C2 13P E . 1.37 -6.21 9.65
O2 13P E . 1.72 -5.24 8.80
C3 13P E . 0.26 -6.04 10.37
O3 13P E . -0.41 -4.90 10.17
ZN ZN F . 0.40 -3.18 9.11
#